data_3SUY
#
_entry.id   3SUY
#
_cell.length_a   124.172
_cell.length_b   124.172
_cell.length_c   150.428
_cell.angle_alpha   90.00
_cell.angle_beta   90.00
_cell.angle_gamma   120.00
#
_symmetry.space_group_name_H-M   'H 3 2'
#
_entity_poly.entity_id   1
_entity_poly.type   'polyribonucleotide'
_entity_poly.pdbx_seq_one_letter_code
;GGACAGAGUAGGUAAACGUGCGUAAAGUGCCUGAGGGACGGGGAGUUGUCCUCAGGACGAACACCGAAAGGUGGCGGUAC
GUUUACCGCAUCUCGCUGUU(CCC)
;
_entity_poly.pdbx_strand_id   X
#
loop_
_chem_comp.id
_chem_comp.type
_chem_comp.name
_chem_comp.formula
A RNA linking ADENOSINE-5'-MONOPHOSPHATE 'C10 H14 N5 O7 P'
C RNA linking CYTIDINE-5'-MONOPHOSPHATE 'C9 H14 N3 O8 P'
CCC RNA linking 'CYTIDINE-5'-PHOSPHATE-2',3'-CYCLIC PHOSPHATE' 'C9 H13 N3 O10 P2'
G RNA linking GUANOSINE-5'-MONOPHOSPHATE 'C10 H14 N5 O8 P'
U RNA linking URIDINE-5'-MONOPHOSPHATE 'C9 H13 N2 O9 P'
#
# COMPACT_ATOMS: atom_id res chain seq x y z
PC CCC A 101 1.20 -2.10 2.72
O1C CCC A 101 1.93 -3.35 2.30
O2C CCC A 101 0.77 -2.19 4.17
P CCC A 101 2.22 2.47 -2.07
OP1 CCC A 101 3.38 2.97 -2.90
OP2 CCC A 101 1.09 1.71 -2.76
O5' CCC A 101 2.76 1.54 -0.86
C5' CCC A 101 2.65 1.90 0.52
C4' CCC A 101 1.51 1.15 1.21
O4' CCC A 101 0.31 1.36 0.47
C3' CCC A 101 1.75 -0.36 1.21
O3' CCC A 101 2.14 -0.83 2.49
C2' CCC A 101 0.40 -0.97 0.79
O2' CCC A 101 -0.09 -1.86 1.78
C1' CCC A 101 -0.53 0.23 0.71
N1 CCC A 101 -1.55 0.07 -0.33
C2 CCC A 101 -2.70 -0.57 -0.08
O2 CCC A 101 -2.97 -1.05 1.02
N3 CCC A 101 -3.57 -0.69 -1.07
C4 CCC A 101 -3.22 -0.16 -2.24
N4 CCC A 101 -4.04 -0.24 -3.28
C5 CCC A 101 -2.10 0.43 -2.35
C6 CCC A 101 -1.34 0.52 -1.45
#